data_8QT0
#
_entry.id   8QT0
#
_cell.length_a   36.144
_cell.length_b   74.318
_cell.length_c   56.052
_cell.angle_alpha   90.00
_cell.angle_beta   94.28
_cell.angle_gamma   90.00
#
_symmetry.space_group_name_H-M   'P 1 21 1'
#
loop_
_entity.id
_entity.type
_entity.pdbx_description
1 polymer 'NAD-dependent protein deacetylase sirtuin-2'
2 polymer 'Peptide-based super-slow substrate TNFn-3'
3 non-polymer 'ZINC ION'
4 non-polymer DI(HYDROXYETHYL)ETHER
5 non-polymer 1,2-ETHANEDIOL
6 non-polymer '3-dodecylsulfanyl-3-methyl-butanoic acid'
7 water water
#
loop_
_entity_poly.entity_id
_entity_poly.type
_entity_poly.pdbx_seq_one_letter_code
_entity_poly.pdbx_strand_id
1 'polypeptide(L)'
;GHMERLLDELTLEGVARYMQSERCRRVICLVGAGISTSAGIPDFRSPSTGLYDNLEKYHLPYPEAIFEISYFKKHPEPFF
ALAKELYPGQFKPTICHYFMRLLKDKGLLLRCYTQNIDTLERIAGLEQEDLVEAHGTFYTSHCVSASCRHEYPLSWMKEK
IFSEVTPKCEDCQSLVKPDIVFFGESLPARFFSCMQSDFLKVDLLLVMGTSLQVQPFASLISKAPLSTPRLLINKEKAGQ
SDPFLGMIMGLGGGMDFDSKKAYRDVAWLGECDQGCLALAELLGWKKELEDLVRREHASIDAQS
;
A
2 'polypeptide(L)' EALPKK(NIY)GG(NH2) B
#
# COMPACT_ATOMS: atom_id res chain seq x y z
N GLU A 4 6.60 16.45 -28.47
CA GLU A 4 6.64 15.00 -28.50
C GLU A 4 6.81 14.44 -27.08
N ARG A 5 5.96 13.47 -26.77
CA ARG A 5 5.78 12.90 -25.46
C ARG A 5 6.24 11.43 -25.49
N LEU A 6 6.34 10.81 -24.31
CA LEU A 6 6.87 9.45 -24.26
C LEU A 6 5.83 8.41 -24.67
N LEU A 7 4.55 8.61 -24.34
CA LEU A 7 3.47 7.72 -24.78
C LEU A 7 3.00 8.05 -26.18
N ASP A 8 2.85 7.04 -27.04
CA ASP A 8 2.32 7.33 -28.37
C ASP A 8 0.82 7.57 -28.34
N GLU A 9 0.13 7.08 -27.33
CA GLU A 9 -1.26 7.47 -27.13
C GLU A 9 -1.61 7.26 -25.67
N LEU A 10 -2.64 7.98 -25.22
CA LEU A 10 -2.99 8.03 -23.80
C LEU A 10 -3.99 6.93 -23.48
N THR A 11 -3.49 5.68 -23.55
CA THR A 11 -4.28 4.48 -23.35
C THR A 11 -3.41 3.41 -22.70
N LEU A 12 -4.07 2.37 -22.17
CA LEU A 12 -3.34 1.23 -21.66
C LEU A 12 -2.43 0.63 -22.73
N GLU A 13 -2.92 0.55 -23.97
CA GLU A 13 -2.11 0.03 -25.07
C GLU A 13 -0.87 0.89 -25.29
N GLY A 14 -1.01 2.21 -25.23
CA GLY A 14 0.15 3.09 -25.29
C GLY A 14 1.14 2.83 -24.16
N VAL A 15 0.64 2.63 -22.93
CA VAL A 15 1.54 2.38 -21.81
C VAL A 15 2.31 1.10 -22.01
N ALA A 16 1.64 0.05 -22.47
CA ALA A 16 2.31 -1.23 -22.65
C ALA A 16 3.42 -1.13 -23.69
N ARG A 17 3.16 -0.44 -24.81
CA ARG A 17 4.22 -0.26 -25.78
C ARG A 17 5.39 0.49 -25.16
N TYR A 18 5.09 1.54 -24.39
CA TYR A 18 6.16 2.28 -23.74
C TYR A 18 6.95 1.39 -22.79
N MET A 19 6.26 0.56 -21.98
CA MET A 19 7.01 -0.33 -21.09
C MET A 19 7.91 -1.29 -21.84
N GLN A 20 7.52 -1.76 -23.02
CA GLN A 20 8.40 -2.71 -23.67
C GLN A 20 9.40 -2.03 -24.59
N SER A 21 9.44 -0.70 -24.57
CA SER A 21 10.50 0.07 -25.25
C SER A 21 11.74 0.20 -24.35
N GLU A 22 12.87 0.59 -24.96
CA GLU A 22 14.09 0.78 -24.18
C GLU A 22 14.03 2.02 -23.30
N ARG A 23 13.10 2.94 -23.56
CA ARG A 23 12.97 4.15 -22.75
C ARG A 23 12.45 3.86 -21.35
N CYS A 24 11.84 2.71 -21.13
CA CYS A 24 11.18 2.42 -19.85
C CYS A 24 11.95 1.31 -19.15
N ARG A 25 12.64 1.65 -18.07
CA ARG A 25 13.47 0.66 -17.38
C ARG A 25 13.14 0.57 -15.90
N ARG A 26 12.62 1.64 -15.29
CA ARG A 26 12.44 1.68 -13.84
C ARG A 26 11.03 2.13 -13.50
N VAL A 27 10.29 1.27 -12.80
CA VAL A 27 8.87 1.51 -12.53
C VAL A 27 8.72 1.68 -11.02
N ILE A 28 8.04 2.74 -10.59
CA ILE A 28 7.60 2.87 -9.19
C ILE A 28 6.11 2.60 -9.14
N CYS A 29 5.69 1.75 -8.21
CA CYS A 29 4.28 1.52 -7.93
C CYS A 29 3.88 2.31 -6.69
N LEU A 30 2.72 2.95 -6.75
CA LEU A 30 2.11 3.61 -5.60
C LEU A 30 0.80 2.88 -5.37
N VAL A 31 0.62 2.24 -4.21
CA VAL A 31 -0.56 1.37 -4.04
C VAL A 31 -1.26 1.70 -2.73
N GLY A 32 -2.59 1.59 -2.74
CA GLY A 32 -3.39 1.80 -1.56
C GLY A 32 -4.40 0.68 -1.30
N ALA A 33 -5.41 0.97 -0.47
CA ALA A 33 -6.28 -0.11 0.01
C ALA A 33 -7.00 -0.82 -1.15
N GLY A 34 -7.19 -0.13 -2.28
CA GLY A 34 -7.88 -0.75 -3.41
C GLY A 34 -7.23 -2.00 -3.96
N ILE A 35 -5.93 -2.23 -3.68
CA ILE A 35 -5.28 -3.44 -4.19
C ILE A 35 -5.46 -4.62 -3.26
N SER A 36 -6.07 -4.41 -2.09
CA SER A 36 -6.25 -5.51 -1.16
C SER A 36 -7.71 -5.79 -0.86
N THR A 37 -8.65 -5.03 -1.42
CA THR A 37 -10.04 -5.34 -1.08
C THR A 37 -10.46 -6.68 -1.67
N SER A 38 -9.87 -7.05 -2.81
CA SER A 38 -10.12 -8.34 -3.45
C SER A 38 -9.67 -9.53 -2.59
N ALA A 39 -8.72 -9.32 -1.69
CA ALA A 39 -8.25 -10.32 -0.73
C ALA A 39 -9.01 -10.28 0.59
N GLY A 40 -10.02 -9.44 0.71
CA GLY A 40 -10.83 -9.39 1.90
C GLY A 40 -10.39 -8.40 2.94
N ILE A 41 -9.39 -7.56 2.67
CA ILE A 41 -8.88 -6.59 3.63
C ILE A 41 -9.69 -5.31 3.47
N PRO A 42 -10.37 -4.83 4.52
CA PRO A 42 -11.15 -3.59 4.39
C PRO A 42 -10.24 -2.38 4.31
N ASP A 43 -10.80 -1.30 3.79
CA ASP A 43 -10.15 0.01 3.74
C ASP A 43 -10.26 0.65 5.12
N PHE A 44 -9.15 0.65 5.88
CA PHE A 44 -9.19 1.08 7.27
C PHE A 44 -9.34 2.59 7.43
N ARG A 45 -9.18 3.36 6.36
CA ARG A 45 -9.39 4.79 6.44
C ARG A 45 -10.81 5.20 6.08
N SER A 46 -11.63 4.28 5.54
CA SER A 46 -12.95 4.64 5.04
C SER A 46 -14.00 4.47 6.13
N PRO A 47 -14.74 5.53 6.49
CA PRO A 47 -15.87 5.35 7.42
C PRO A 47 -17.08 4.66 6.79
N SER A 48 -17.06 4.39 5.49
CA SER A 48 -18.18 3.70 4.84
C SER A 48 -17.98 2.19 4.78
N THR A 49 -16.84 1.69 5.25
CA THR A 49 -16.68 0.28 5.61
C THR A 49 -17.05 0.09 7.07
N GLY A 50 -17.98 -0.84 7.34
CA GLY A 50 -18.65 -0.92 8.63
C GLY A 50 -17.77 -1.34 9.79
N LEU A 51 -16.48 -1.03 9.69
CA LEU A 51 -15.51 -1.49 10.68
C LEU A 51 -15.74 -0.84 12.04
N TYR A 52 -16.08 0.45 12.05
CA TYR A 52 -16.13 1.22 13.28
C TYR A 52 -17.56 1.48 13.77
N ASP A 53 -18.50 0.62 13.36
CA ASP A 53 -19.88 0.75 13.80
C ASP A 53 -20.09 0.17 15.20
N ASN A 54 -19.26 -0.78 15.64
CA ASN A 54 -19.44 -1.42 16.93
C ASN A 54 -18.36 -1.03 17.95
N LEU A 55 -18.13 0.26 18.14
CA LEU A 55 -17.07 0.70 19.02
C LEU A 55 -17.57 1.16 20.39
N GLU A 56 -18.88 1.21 20.60
CA GLU A 56 -19.42 1.61 21.89
C GLU A 56 -19.03 0.60 22.97
N LYS A 57 -18.96 -0.68 22.60
CA LYS A 57 -18.56 -1.70 23.56
C LYS A 57 -17.22 -1.37 24.19
N TYR A 58 -16.39 -0.59 23.48
CA TYR A 58 -15.09 -0.16 23.93
C TYR A 58 -15.14 1.12 24.78
N HIS A 59 -16.34 1.68 24.97
CA HIS A 59 -16.55 2.85 25.81
C HIS A 59 -15.44 3.87 25.58
N LEU A 60 -15.42 4.38 24.36
CA LEU A 60 -14.32 5.16 23.82
C LEU A 60 -14.71 6.63 23.70
N PRO A 61 -13.73 7.55 23.73
CA PRO A 61 -13.99 8.96 23.39
C PRO A 61 -14.28 9.16 21.91
N PRO A 63 -13.84 8.31 18.62
CA PRO A 63 -13.60 7.45 17.45
C PRO A 63 -12.14 7.36 17.05
N GLU A 64 -11.58 8.43 16.48
CA GLU A 64 -10.21 8.37 15.99
C GLU A 64 -9.20 8.05 17.09
N ALA A 65 -9.62 8.10 18.36
CA ALA A 65 -8.75 7.71 19.46
C ALA A 65 -8.29 6.26 19.35
N ILE A 66 -9.01 5.43 18.59
CA ILE A 66 -8.69 4.01 18.48
C ILE A 66 -7.36 3.83 17.76
N PHE A 67 -6.92 4.84 17.00
CA PHE A 67 -5.69 4.78 16.22
C PHE A 67 -4.73 5.92 16.56
N GLU A 68 -4.99 6.66 17.64
CA GLU A 68 -4.11 7.72 18.12
C GLU A 68 -3.16 7.18 19.17
N ILE A 69 -1.86 7.45 19.00
CA ILE A 69 -0.85 6.79 19.83
C ILE A 69 -0.99 7.22 21.29
N SER A 70 -1.25 8.51 21.52
CA SER A 70 -1.45 8.97 22.89
C SER A 70 -2.50 8.13 23.61
N TYR A 71 -3.65 7.91 22.97
CA TYR A 71 -4.68 7.12 23.63
C TYR A 71 -4.25 5.67 23.79
N PHE A 72 -3.65 5.12 22.73
CA PHE A 72 -3.22 3.72 22.74
C PHE A 72 -2.30 3.41 23.93
N LYS A 73 -1.31 4.27 24.19
CA LYS A 73 -0.31 3.93 25.19
C LYS A 73 -0.90 3.90 26.60
N LYS A 74 -2.03 4.58 26.82
CA LYS A 74 -2.72 4.59 28.10
C LYS A 74 -3.83 3.55 28.20
N HIS A 75 -4.57 3.30 27.11
CA HIS A 75 -5.65 2.32 27.07
C HIS A 75 -5.52 1.51 25.78
N PRO A 76 -4.63 0.51 25.76
CA PRO A 76 -4.45 -0.28 24.55
C PRO A 76 -5.54 -1.31 24.30
N GLU A 77 -6.40 -1.57 25.28
CA GLU A 77 -7.34 -2.69 25.16
C GLU A 77 -8.31 -2.51 24.00
N PRO A 78 -8.88 -1.32 23.76
CA PRO A 78 -9.80 -1.18 22.61
C PRO A 78 -9.16 -1.53 21.29
N PHE A 79 -7.93 -1.07 21.03
CA PHE A 79 -7.27 -1.39 19.78
C PHE A 79 -7.11 -2.89 19.59
N PHE A 80 -6.65 -3.59 20.64
CA PHE A 80 -6.41 -5.01 20.47
C PHE A 80 -7.70 -5.83 20.39
N ALA A 81 -8.80 -5.33 20.94
CA ALA A 81 -10.08 -6.01 20.76
C ALA A 81 -10.57 -5.86 19.32
N LEU A 82 -10.44 -4.65 18.77
CA LEU A 82 -10.73 -4.42 17.36
C LEU A 82 -9.86 -5.28 16.46
N ALA A 83 -8.58 -5.39 16.78
CA ALA A 83 -7.67 -6.18 15.96
C ALA A 83 -8.10 -7.63 15.92
N LYS A 84 -8.61 -8.15 17.03
CA LYS A 84 -9.12 -9.52 17.04
C LYS A 84 -10.35 -9.64 16.14
N GLU A 85 -11.27 -8.69 16.27
CA GLU A 85 -12.49 -8.73 15.49
C GLU A 85 -12.18 -8.72 13.99
N LEU A 86 -11.18 -7.93 13.58
CA LEU A 86 -10.92 -7.70 12.17
C LEU A 86 -9.80 -8.56 11.60
N TYR A 87 -9.18 -9.44 12.39
CA TYR A 87 -8.00 -10.17 11.91
C TYR A 87 -8.39 -11.06 10.72
N PRO A 88 -7.68 -10.97 9.59
CA PRO A 88 -8.10 -11.75 8.40
C PRO A 88 -8.05 -13.25 8.65
N GLY A 89 -9.03 -13.96 8.06
CA GLY A 89 -9.00 -15.41 8.15
C GLY A 89 -7.87 -16.04 7.36
N GLN A 90 -7.36 -15.33 6.37
CA GLN A 90 -6.33 -15.83 5.47
C GLN A 90 -5.59 -14.64 4.89
N PHE A 91 -4.33 -14.84 4.50
CA PHE A 91 -3.50 -13.79 3.89
C PHE A 91 -3.10 -14.26 2.49
N LYS A 92 -3.96 -13.98 1.53
CA LYS A 92 -3.80 -14.42 0.14
C LYS A 92 -3.68 -13.18 -0.75
N PRO A 93 -2.47 -12.83 -1.20
CA PRO A 93 -2.31 -11.65 -2.05
C PRO A 93 -3.12 -11.77 -3.33
N THR A 94 -3.37 -10.62 -3.97
CA THR A 94 -4.23 -10.54 -5.14
C THR A 94 -3.40 -10.59 -6.43
N ILE A 95 -4.10 -10.71 -7.55
CA ILE A 95 -3.49 -10.60 -8.88
C ILE A 95 -2.60 -9.36 -8.96
N CYS A 96 -3.08 -8.25 -8.42
CA CYS A 96 -2.29 -7.03 -8.40
CA CYS A 96 -2.28 -7.03 -8.40
C CYS A 96 -0.96 -7.23 -7.66
N HIS A 97 -1.00 -7.88 -6.49
CA HIS A 97 0.24 -8.10 -5.75
C HIS A 97 1.23 -8.92 -6.57
N TYR A 98 0.76 -9.99 -7.19
CA TYR A 98 1.67 -10.84 -7.96
C TYR A 98 2.12 -10.19 -9.27
N PHE A 99 1.35 -9.24 -9.80
CA PHE A 99 1.84 -8.44 -10.94
C PHE A 99 3.10 -7.65 -10.56
N MET A 100 3.10 -7.02 -9.38
CA MET A 100 4.34 -6.39 -8.90
C MET A 100 5.45 -7.40 -8.68
N ARG A 101 5.14 -8.61 -8.20
CA ARG A 101 6.20 -9.63 -8.15
C ARG A 101 6.78 -9.89 -9.55
N LEU A 102 5.94 -9.91 -10.59
CA LEU A 102 6.44 -10.12 -11.95
C LEU A 102 7.29 -8.94 -12.42
N LEU A 103 6.88 -7.71 -12.09
CA LEU A 103 7.73 -6.56 -12.36
C LEU A 103 9.10 -6.74 -11.73
N LYS A 104 9.14 -7.20 -10.47
CA LYS A 104 10.41 -7.48 -9.80
C LYS A 104 11.20 -8.55 -10.54
N ASP A 105 10.51 -9.63 -10.93
CA ASP A 105 11.17 -10.74 -11.63
C ASP A 105 11.77 -10.29 -12.95
N LYS A 106 11.15 -9.32 -13.61
CA LYS A 106 11.60 -8.89 -14.93
C LYS A 106 12.57 -7.73 -14.87
N GLY A 107 13.01 -7.35 -13.66
CA GLY A 107 14.01 -6.31 -13.50
C GLY A 107 13.50 -4.90 -13.72
N LEU A 108 12.19 -4.68 -13.56
CA LEU A 108 11.56 -3.39 -13.82
C LEU A 108 11.15 -2.64 -12.56
N LEU A 109 11.11 -3.29 -11.40
CA LEU A 109 10.58 -2.64 -10.19
C LEU A 109 11.70 -1.88 -9.49
N LEU A 110 11.58 -0.56 -9.45
CA LEU A 110 12.47 0.28 -8.65
C LEU A 110 12.03 0.32 -7.20
N ARG A 111 10.73 0.48 -6.98
CA ARG A 111 10.22 0.54 -5.63
C ARG A 111 8.70 0.46 -5.64
N CYS A 112 8.14 -0.17 -4.61
CA CYS A 112 6.70 -0.14 -4.36
C CYS A 112 6.49 0.66 -3.08
N TYR A 113 5.78 1.79 -3.18
CA TYR A 113 5.36 2.57 -2.02
C TYR A 113 3.91 2.17 -1.72
N THR A 114 3.67 1.67 -0.51
CA THR A 114 2.35 1.20 -0.13
C THR A 114 1.81 1.94 1.09
N GLN A 115 0.51 2.28 1.02
CA GLN A 115 -0.26 2.77 2.15
C GLN A 115 -0.79 1.65 3.03
N ASN A 116 -0.61 0.39 2.63
CA ASN A 116 -1.27 -0.73 3.30
C ASN A 116 -0.42 -1.30 4.42
N ILE A 117 -1.10 -1.90 5.41
CA ILE A 117 -0.42 -2.47 6.55
C ILE A 117 -0.52 -3.97 6.59
N ASP A 118 -1.12 -4.60 5.57
CA ASP A 118 -1.62 -5.98 5.66
C ASP A 118 -0.58 -7.04 5.34
N THR A 119 0.66 -6.64 5.03
CA THR A 119 1.80 -7.50 4.71
C THR A 119 1.69 -8.25 3.38
N LEU A 120 0.62 -8.05 2.60
CA LEU A 120 0.45 -8.89 1.41
C LEU A 120 1.55 -8.67 0.38
N GLU A 121 2.16 -7.48 0.32
CA GLU A 121 3.28 -7.28 -0.60
C GLU A 121 4.43 -8.24 -0.29
N ARG A 122 4.70 -8.49 1.00
CA ARG A 122 5.78 -9.39 1.39
C ARG A 122 5.41 -10.84 1.12
N ILE A 123 4.17 -11.23 1.43
CA ILE A 123 3.73 -12.59 1.15
C ILE A 123 3.84 -12.88 -0.34
N ALA A 124 3.56 -11.88 -1.20
CA ALA A 124 3.62 -12.05 -2.65
C ALA A 124 5.05 -12.10 -3.16
N GLY A 125 6.03 -11.80 -2.33
CA GLY A 125 7.41 -11.97 -2.72
C GLY A 125 8.17 -10.70 -3.04
N LEU A 126 7.66 -9.53 -2.68
CA LEU A 126 8.50 -8.32 -2.64
C LEU A 126 9.36 -8.32 -1.38
N GLU A 127 10.61 -7.89 -1.52
CA GLU A 127 11.53 -7.90 -0.40
C GLU A 127 11.60 -6.53 0.29
N GLN A 128 12.13 -6.53 1.51
CA GLN A 128 12.20 -5.29 2.27
C GLN A 128 12.82 -4.17 1.45
N GLU A 129 13.87 -4.48 0.69
CA GLU A 129 14.53 -3.42 -0.08
C GLU A 129 13.63 -2.87 -1.19
N ASP A 130 12.63 -3.65 -1.64
CA ASP A 130 11.70 -3.24 -2.68
C ASP A 130 10.60 -2.31 -2.17
N LEU A 131 10.42 -2.20 -0.85
CA LEU A 131 9.19 -1.67 -0.27
C LEU A 131 9.44 -0.42 0.56
N VAL A 132 8.52 0.53 0.48
CA VAL A 132 8.43 1.64 1.42
C VAL A 132 7.03 1.54 2.00
N GLU A 133 6.95 1.06 3.24
CA GLU A 133 5.66 0.91 3.92
C GLU A 133 5.40 2.26 4.59
N ALA A 134 4.66 3.12 3.87
CA ALA A 134 4.51 4.51 4.27
C ALA A 134 3.76 4.63 5.59
N HIS A 135 2.87 3.69 5.89
CA HIS A 135 2.17 3.69 7.16
C HIS A 135 2.57 2.53 8.06
N GLY A 136 3.75 1.95 7.83
CA GLY A 136 4.19 0.85 8.68
C GLY A 136 3.53 -0.47 8.27
N THR A 137 3.63 -1.45 9.16
CA THR A 137 3.11 -2.77 8.86
C THR A 137 2.84 -3.55 10.14
N PHE A 138 1.88 -4.48 10.07
CA PHE A 138 1.68 -5.47 11.12
C PHE A 138 2.71 -6.58 11.10
N TYR A 139 3.60 -6.60 10.11
CA TYR A 139 4.54 -7.70 9.94
C TYR A 139 5.43 -7.87 11.17
N THR A 140 5.78 -6.77 11.84
CA THR A 140 6.62 -6.81 13.03
C THR A 140 6.02 -5.90 14.09
N SER A 141 6.42 -6.14 15.34
CA SER A 141 5.96 -5.36 16.48
C SER A 141 7.15 -5.04 17.37
N HIS A 142 7.05 -3.96 18.16
CA HIS A 142 8.15 -3.63 19.07
C HIS A 142 7.64 -3.18 20.44
N CYS A 143 8.35 -3.60 21.48
CA CYS A 143 8.22 -2.98 22.79
C CYS A 143 8.33 -1.46 22.67
N VAL A 144 7.51 -0.73 23.43
CA VAL A 144 7.48 0.73 23.27
C VAL A 144 8.47 1.47 24.16
N SER A 145 9.18 0.78 25.05
CA SER A 145 10.17 1.43 25.92
C SER A 145 11.42 1.81 25.14
N ALA A 146 11.79 3.09 25.22
CA ALA A 146 12.86 3.59 24.37
C ALA A 146 14.18 2.86 24.60
N SER A 147 14.46 2.44 25.84
CA SER A 147 15.72 1.75 26.15
C SER A 147 15.66 0.24 25.89
N CYS A 148 14.57 -0.24 25.30
CA CYS A 148 14.42 -1.67 25.03
C CYS A 148 14.15 -1.95 23.56
N ARG A 149 12.92 -1.69 23.12
CA ARG A 149 12.55 -1.83 21.72
C ARG A 149 12.76 -3.26 21.23
N HIS A 150 12.57 -4.26 22.09
CA HIS A 150 12.57 -5.65 21.66
C HIS A 150 11.53 -5.87 20.57
N GLU A 151 11.95 -6.56 19.49
CA GLU A 151 11.10 -6.83 18.32
C GLU A 151 10.40 -8.18 18.45
N TYR A 152 9.14 -8.23 18.00
CA TYR A 152 8.36 -9.47 18.02
C TYR A 152 7.73 -9.76 16.66
N PRO A 153 7.63 -11.03 16.27
CA PRO A 153 7.05 -11.38 14.96
C PRO A 153 5.53 -11.45 15.02
N LEU A 154 4.91 -11.44 13.83
CA LEU A 154 3.45 -11.48 13.75
C LEU A 154 2.89 -12.71 14.44
N SER A 155 3.54 -13.87 14.30
CA SER A 155 3.04 -15.07 14.98
C SER A 155 2.87 -14.82 16.48
N TRP A 156 3.83 -14.14 17.12
CA TRP A 156 3.73 -13.83 18.54
C TRP A 156 2.58 -12.87 18.83
N MET A 157 2.48 -11.79 18.04
CA MET A 157 1.40 -10.82 18.18
C MET A 157 0.03 -11.44 17.92
N LYS A 158 -0.10 -12.24 16.86
CA LYS A 158 -1.35 -12.94 16.60
C LYS A 158 -1.82 -13.74 17.82
N GLU A 159 -0.89 -14.45 18.48
CA GLU A 159 -1.29 -15.33 19.57
C GLU A 159 -1.81 -14.52 20.76
N LYS A 160 -1.21 -13.35 21.00
CA LYS A 160 -1.70 -12.45 22.04
C LYS A 160 -3.06 -11.87 21.69
N ILE A 161 -3.24 -11.45 20.44
CA ILE A 161 -4.51 -10.89 20.01
C ILE A 161 -5.66 -11.89 20.19
N PHE A 162 -5.43 -13.14 19.81
CA PHE A 162 -6.51 -14.13 19.84
C PHE A 162 -6.79 -14.66 21.23
N SER A 163 -5.77 -14.79 22.07
CA SER A 163 -6.03 -15.18 23.44
C SER A 163 -6.52 -14.02 24.29
N GLU A 164 -6.56 -12.80 23.73
CA GLU A 164 -7.07 -11.62 24.44
C GLU A 164 -6.17 -11.26 25.63
N VAL A 165 -4.87 -11.44 25.45
CA VAL A 165 -3.86 -11.01 26.40
C VAL A 165 -3.17 -9.78 25.83
N THR A 166 -3.27 -8.66 26.54
CA THR A 166 -2.59 -7.44 26.11
C THR A 166 -1.10 -7.75 25.95
N PRO A 167 -0.52 -7.53 24.77
CA PRO A 167 0.88 -7.93 24.58
C PRO A 167 1.85 -7.07 25.38
N LYS A 168 2.72 -7.75 26.15
CA LYS A 168 3.71 -7.08 26.96
C LYS A 168 5.09 -7.66 26.67
N CYS A 169 6.09 -6.78 26.74
CA CYS A 169 7.47 -7.17 26.50
C CYS A 169 7.92 -8.20 27.54
N GLU A 170 8.56 -9.27 27.05
CA GLU A 170 9.08 -10.30 27.97
C GLU A 170 10.30 -9.81 28.74
N ASP A 171 11.07 -8.85 28.20
CA ASP A 171 12.25 -8.36 28.91
C ASP A 171 11.89 -7.30 29.94
N CYS A 172 10.97 -6.40 29.61
CA CYS A 172 10.73 -5.26 30.48
C CYS A 172 9.27 -5.04 30.86
N GLN A 173 8.32 -5.81 30.30
CA GLN A 173 6.89 -5.74 30.60
C GLN A 173 6.24 -4.42 30.17
N SER A 174 6.89 -3.63 29.31
CA SER A 174 6.16 -2.54 28.68
C SER A 174 5.22 -3.09 27.60
N LEU A 175 4.35 -2.21 27.11
CA LEU A 175 3.46 -2.58 26.03
C LEU A 175 4.24 -2.82 24.74
N VAL A 176 3.77 -3.79 23.95
CA VAL A 176 4.29 -4.09 22.61
C VAL A 176 3.25 -3.67 21.56
N LYS A 177 3.69 -2.91 20.56
CA LYS A 177 2.79 -2.31 19.56
C LYS A 177 3.13 -2.78 18.15
N PRO A 178 2.13 -3.14 17.32
CA PRO A 178 2.42 -3.43 15.92
C PRO A 178 3.09 -2.23 15.27
N ASP A 179 3.97 -2.51 14.31
CA ASP A 179 4.74 -1.43 13.67
C ASP A 179 3.93 -0.62 12.66
N ILE A 180 2.63 -0.43 12.88
CA ILE A 180 1.87 0.53 12.08
C ILE A 180 2.10 1.92 12.62
N VAL A 181 1.94 2.92 11.76
CA VAL A 181 2.08 4.31 12.18
C VAL A 181 0.71 4.75 12.66
N PHE A 182 0.55 4.86 13.99
CA PHE A 182 -0.66 5.43 14.59
C PHE A 182 -0.71 6.95 14.32
N PHE A 183 -1.91 7.52 14.41
CA PHE A 183 -2.01 8.97 14.37
C PHE A 183 -1.29 9.57 15.58
N GLY A 184 -0.47 10.59 15.32
CA GLY A 184 0.38 11.17 16.34
C GLY A 184 1.83 10.73 16.32
N GLU A 185 2.17 9.67 15.59
CA GLU A 185 3.53 9.17 15.46
C GLU A 185 4.21 9.77 14.24
N SER A 186 5.54 9.83 14.29
CA SER A 186 6.31 10.22 13.11
C SER A 186 6.05 9.26 11.95
N LEU A 187 6.04 9.81 10.74
CA LEU A 187 6.07 8.97 9.57
C LEU A 187 7.49 8.41 9.40
N PRO A 188 7.64 7.28 8.72
CA PRO A 188 8.97 6.64 8.64
C PRO A 188 10.00 7.50 7.92
N ALA A 189 11.21 7.57 8.52
CA ALA A 189 12.29 8.27 7.84
C ALA A 189 12.57 7.69 6.46
N ARG A 190 12.42 6.37 6.31
CA ARG A 190 12.69 5.72 5.03
C ARG A 190 11.79 6.26 3.91
N PHE A 191 10.55 6.61 4.24
CA PHE A 191 9.66 7.20 3.23
C PHE A 191 10.30 8.43 2.58
N PHE A 192 10.87 9.31 3.39
CA PHE A 192 11.43 10.55 2.85
C PHE A 192 12.79 10.33 2.18
N SER A 193 13.66 9.50 2.77
CA SER A 193 14.96 9.27 2.14
CA SER A 193 14.96 9.30 2.12
C SER A 193 14.81 8.56 0.80
N CYS A 194 13.92 7.56 0.74
CA CYS A 194 13.72 6.86 -0.52
C CYS A 194 13.09 7.76 -1.59
N MET A 195 12.13 8.60 -1.19
CA MET A 195 11.53 9.49 -2.18
C MET A 195 12.58 10.40 -2.81
N GLN A 196 13.52 10.89 -2.01
CA GLN A 196 14.48 11.85 -2.56
C GLN A 196 15.37 11.20 -3.61
N SER A 197 15.58 9.89 -3.54
CA SER A 197 16.45 9.20 -4.49
C SER A 197 15.68 8.55 -5.64
N ASP A 198 14.55 7.91 -5.35
CA ASP A 198 13.84 7.13 -6.35
C ASP A 198 13.27 8.02 -7.46
N PHE A 199 12.74 9.18 -7.09
CA PHE A 199 12.05 9.93 -8.12
C PHE A 199 12.99 10.65 -9.07
N LEU A 200 14.28 10.64 -8.78
CA LEU A 200 15.27 11.05 -9.77
C LEU A 200 15.42 10.02 -10.86
N LYS A 201 14.92 8.79 -10.64
CA LYS A 201 15.28 7.63 -11.45
C LYS A 201 14.10 6.95 -12.13
N VAL A 202 12.89 7.47 -11.98
CA VAL A 202 11.68 6.75 -12.39
C VAL A 202 11.35 7.02 -13.84
N ASP A 203 10.93 5.96 -14.56
CA ASP A 203 10.46 6.06 -15.94
C ASP A 203 8.94 5.94 -16.07
N LEU A 204 8.29 5.36 -15.08
CA LEU A 204 6.85 5.10 -15.16
C LEU A 204 6.35 5.07 -13.74
N LEU A 205 5.25 5.77 -13.48
CA LEU A 205 4.55 5.67 -12.21
C LEU A 205 3.32 4.83 -12.44
N LEU A 206 3.20 3.73 -11.69
CA LEU A 206 2.01 2.90 -11.72
C LEU A 206 1.24 3.11 -10.41
N VAL A 207 0.07 3.74 -10.48
CA VAL A 207 -0.71 4.13 -9.31
C VAL A 207 -1.94 3.26 -9.28
N MET A 208 -2.06 2.38 -8.27
CA MET A 208 -3.17 1.42 -8.26
C MET A 208 -3.88 1.38 -6.92
N GLY A 209 -5.20 1.44 -6.96
CA GLY A 209 -5.99 1.24 -5.75
C GLY A 209 -5.82 2.31 -4.68
N THR A 210 -5.55 3.55 -5.06
CA THR A 210 -5.53 4.66 -4.12
C THR A 210 -6.29 5.83 -4.71
N SER A 211 -7.12 6.48 -3.88
CA SER A 211 -7.81 7.69 -4.27
C SER A 211 -6.94 8.94 -4.09
N LEU A 212 -5.70 8.78 -3.62
CA LEU A 212 -4.75 9.89 -3.54
C LEU A 212 -5.30 11.04 -2.70
N GLN A 213 -5.92 10.70 -1.57
CA GLN A 213 -6.49 11.71 -0.68
C GLN A 213 -5.76 11.85 0.64
N VAL A 214 -4.79 11.00 0.94
CA VAL A 214 -4.08 11.00 2.20
C VAL A 214 -2.67 11.52 1.99
N GLN A 215 -2.27 12.53 2.80
CA GLN A 215 -0.96 13.14 2.73
C GLN A 215 -0.04 12.61 3.82
N PRO A 216 1.28 12.61 3.59
CA PRO A 216 2.00 13.10 2.41
C PRO A 216 2.05 12.09 1.26
N PHE A 217 1.42 10.93 1.39
CA PHE A 217 1.54 9.92 0.34
C PHE A 217 1.08 10.47 -1.01
N ALA A 218 -0.05 11.19 -1.03
CA ALA A 218 -0.61 11.60 -2.32
C ALA A 218 0.31 12.56 -3.06
N SER A 219 1.11 13.34 -2.34
CA SER A 219 2.04 14.27 -2.97
C SER A 219 3.14 13.58 -3.76
N LEU A 220 3.30 12.25 -3.65
CA LEU A 220 4.34 11.56 -4.41
C LEU A 220 4.16 11.72 -5.93
N ILE A 221 2.93 11.86 -6.42
CA ILE A 221 2.76 11.94 -7.87
C ILE A 221 3.38 13.23 -8.42
N SER A 222 3.46 14.28 -7.60
CA SER A 222 4.08 15.52 -8.06
CA SER A 222 4.08 15.52 -8.05
C SER A 222 5.61 15.49 -7.95
N LYS A 223 6.20 14.41 -7.44
CA LYS A 223 7.66 14.28 -7.37
C LYS A 223 8.23 13.66 -8.64
N ALA A 224 7.38 13.18 -9.54
CA ALA A 224 7.85 12.58 -10.77
C ALA A 224 8.37 13.66 -11.71
N PRO A 225 9.42 13.35 -12.50
CA PRO A 225 9.82 14.28 -13.58
C PRO A 225 8.62 14.60 -14.46
N LEU A 226 8.64 15.78 -15.09
CA LEU A 226 7.54 16.20 -15.95
C LEU A 226 7.26 15.22 -17.08
N SER A 227 8.27 14.51 -17.57
CA SER A 227 8.03 13.64 -18.72
C SER A 227 7.50 12.27 -18.34
N THR A 228 7.56 11.90 -17.06
CA THR A 228 7.26 10.52 -16.64
C THR A 228 5.79 10.16 -16.79
N PRO A 229 5.43 9.19 -17.64
CA PRO A 229 4.02 8.80 -17.75
C PRO A 229 3.49 8.26 -16.44
N ARG A 230 2.21 8.49 -16.18
CA ARG A 230 1.58 8.07 -14.94
C ARG A 230 0.28 7.36 -15.28
N LEU A 231 0.20 6.08 -14.95
CA LEU A 231 -0.97 5.24 -15.23
C LEU A 231 -1.69 5.02 -13.92
N LEU A 232 -2.98 5.35 -13.89
CA LEU A 232 -3.84 5.08 -12.73
C LEU A 232 -4.77 3.92 -13.05
N ILE A 233 -4.71 2.87 -12.23
CA ILE A 233 -5.64 1.74 -12.30
C ILE A 233 -6.44 1.80 -11.01
N ASN A 234 -7.72 2.10 -11.12
CA ASN A 234 -8.49 2.39 -9.91
C ASN A 234 -9.96 2.41 -10.29
N LYS A 235 -10.83 2.17 -9.30
CA LYS A 235 -12.25 2.12 -9.60
C LYS A 235 -12.78 3.48 -10.02
N GLU A 236 -12.19 4.57 -9.49
CA GLU A 236 -12.63 5.94 -9.78
C GLU A 236 -11.43 6.81 -10.15
N LYS A 237 -11.68 7.77 -11.04
CA LYS A 237 -10.64 8.74 -11.37
C LYS A 237 -10.18 9.46 -10.12
N ALA A 238 -8.87 9.70 -10.01
CA ALA A 238 -8.33 10.29 -8.79
C ALA A 238 -7.10 11.12 -9.13
N GLY A 239 -6.72 11.99 -8.20
CA GLY A 239 -5.47 12.73 -8.28
C GLY A 239 -5.49 13.97 -9.17
N GLN A 240 -6.65 14.38 -9.65
CA GLN A 240 -6.71 15.63 -10.39
C GLN A 240 -6.72 16.81 -9.41
N SER A 241 -6.38 17.99 -9.93
CA SER A 241 -6.37 19.18 -9.10
C SER A 241 -7.79 19.50 -8.63
N ASP A 242 -7.90 19.96 -7.38
CA ASP A 242 -9.21 20.27 -6.81
C ASP A 242 -9.65 21.66 -7.26
N PRO A 243 -10.79 21.80 -7.94
CA PRO A 243 -11.17 23.13 -8.43
C PRO A 243 -11.35 24.13 -7.31
N PHE A 244 -11.55 23.68 -6.07
CA PHE A 244 -11.68 24.56 -4.91
C PHE A 244 -10.34 24.79 -4.21
N LEU A 245 -9.60 23.72 -3.92
CA LEU A 245 -8.37 23.85 -3.14
C LEU A 245 -7.35 24.73 -3.85
N GLY A 246 -7.25 24.62 -5.17
CA GLY A 246 -6.51 25.59 -5.94
C GLY A 246 -7.34 26.84 -6.15
N GLY A 252 -0.95 21.23 -10.30
CA GLY A 252 0.13 21.40 -9.35
C GLY A 252 0.78 20.06 -9.08
N GLY A 253 1.30 19.46 -10.15
CA GLY A 253 1.58 18.05 -10.15
C GLY A 253 0.35 17.19 -10.33
N GLY A 254 -0.85 17.78 -10.21
CA GLY A 254 -2.10 17.05 -10.36
C GLY A 254 -2.14 16.24 -11.65
N MET A 255 -2.91 15.15 -11.65
CA MET A 255 -3.16 14.38 -12.86
C MET A 255 -3.94 15.20 -13.88
N ASP A 256 -3.61 15.06 -15.16
CA ASP A 256 -4.41 15.64 -16.24
C ASP A 256 -4.65 14.54 -17.26
N PHE A 257 -5.82 13.89 -17.18
CA PHE A 257 -6.19 12.82 -18.10
C PHE A 257 -6.92 13.31 -19.35
N ASP A 258 -7.67 14.42 -19.26
CA ASP A 258 -8.72 14.71 -20.23
C ASP A 258 -8.65 16.06 -20.92
N SER A 259 -7.78 16.97 -20.49
CA SER A 259 -7.78 18.27 -21.14
C SER A 259 -7.07 18.19 -22.49
N LYS A 260 -7.17 19.28 -23.27
CA LYS A 260 -6.47 19.30 -24.54
C LYS A 260 -4.96 19.35 -24.34
N LYS A 261 -4.51 19.65 -23.12
CA LYS A 261 -3.11 19.69 -22.74
C LYS A 261 -2.61 18.37 -22.16
N ALA A 262 -3.47 17.36 -22.04
CA ALA A 262 -3.02 16.06 -21.54
C ALA A 262 -1.94 15.49 -22.43
N TYR A 263 -0.93 14.87 -21.81
CA TYR A 263 0.22 14.36 -22.55
C TYR A 263 0.84 13.09 -21.96
N ARG A 264 0.57 12.76 -20.69
CA ARG A 264 1.29 11.64 -20.07
C ARG A 264 0.51 10.81 -19.06
N ASP A 265 -0.71 11.21 -18.70
CA ASP A 265 -1.48 10.56 -17.65
C ASP A 265 -2.61 9.76 -18.27
N VAL A 266 -2.76 8.50 -17.83
CA VAL A 266 -3.76 7.60 -18.36
C VAL A 266 -4.56 7.01 -17.20
N ALA A 267 -5.89 6.99 -17.32
CA ALA A 267 -6.76 6.38 -16.34
C ALA A 267 -7.42 5.13 -16.91
N TRP A 268 -7.29 4.01 -16.20
CA TRP A 268 -7.98 2.78 -16.53
C TRP A 268 -8.93 2.53 -15.36
N LEU A 269 -10.24 2.62 -15.62
CA LEU A 269 -11.25 2.67 -14.56
C LEU A 269 -11.93 1.31 -14.45
N GLY A 270 -11.71 0.66 -13.32
CA GLY A 270 -12.28 -0.65 -13.07
C GLY A 270 -11.57 -1.25 -11.88
N GLU A 271 -11.82 -2.55 -11.66
CA GLU A 271 -11.17 -3.26 -10.56
C GLU A 271 -9.67 -3.40 -10.81
N CYS A 272 -8.86 -3.27 -9.73
CA CYS A 272 -7.41 -3.28 -9.92
C CYS A 272 -6.91 -4.62 -10.46
N ASP A 273 -7.44 -5.74 -9.94
CA ASP A 273 -7.05 -7.04 -10.48
C ASP A 273 -7.28 -7.09 -11.98
N GLN A 274 -8.42 -6.58 -12.44
CA GLN A 274 -8.77 -6.68 -13.85
C GLN A 274 -7.91 -5.76 -14.70
N GLY A 275 -7.56 -4.57 -14.18
CA GLY A 275 -6.65 -3.71 -14.91
C GLY A 275 -5.25 -4.30 -15.01
N CYS A 276 -4.75 -4.87 -13.92
CA CYS A 276 -3.44 -5.52 -13.97
C CYS A 276 -3.45 -6.72 -14.90
N LEU A 277 -4.55 -7.50 -14.91
CA LEU A 277 -4.72 -8.58 -15.87
C LEU A 277 -4.62 -8.08 -17.30
N ALA A 278 -5.32 -6.97 -17.59
CA ALA A 278 -5.32 -6.40 -18.94
C ALA A 278 -3.94 -5.94 -19.36
N LEU A 279 -3.23 -5.25 -18.47
CA LEU A 279 -1.87 -4.81 -18.79
C LEU A 279 -0.94 -6.00 -19.01
N ALA A 280 -1.01 -7.01 -18.12
CA ALA A 280 -0.18 -8.20 -18.34
C ALA A 280 -0.47 -8.84 -19.70
N GLU A 281 -1.74 -8.94 -20.09
CA GLU A 281 -2.08 -9.57 -21.37
C GLU A 281 -1.42 -8.82 -22.51
N LEU A 282 -1.48 -7.49 -22.49
CA LEU A 282 -0.80 -6.68 -23.50
C LEU A 282 0.70 -6.95 -23.53
N LEU A 283 1.30 -7.24 -22.38
CA LEU A 283 2.75 -7.38 -22.30
C LEU A 283 3.25 -8.77 -22.69
N GLY A 284 2.34 -9.71 -22.93
CA GLY A 284 2.71 -11.10 -23.14
C GLY A 284 2.87 -11.90 -21.87
N TRP A 285 2.41 -11.36 -20.73
CA TRP A 285 2.65 -11.96 -19.42
C TRP A 285 1.43 -12.67 -18.85
N LYS A 286 0.33 -12.80 -19.61
CA LYS A 286 -0.87 -13.38 -19.03
C LYS A 286 -0.61 -14.79 -18.51
N LYS A 287 -0.01 -15.65 -19.33
CA LYS A 287 0.21 -17.02 -18.87
C LYS A 287 1.14 -17.05 -17.66
N GLU A 288 2.20 -16.23 -17.67
CA GLU A 288 3.10 -16.20 -16.52
C GLU A 288 2.37 -15.76 -15.27
N LEU A 289 1.56 -14.71 -15.38
CA LEU A 289 0.83 -14.20 -14.23
C LEU A 289 -0.19 -15.20 -13.71
N GLU A 290 -0.96 -15.83 -14.62
CA GLU A 290 -1.92 -16.85 -14.20
C GLU A 290 -1.23 -17.99 -13.45
N ASP A 291 -0.17 -18.55 -14.04
CA ASP A 291 0.57 -19.64 -13.40
C ASP A 291 1.11 -19.25 -12.02
N LEU A 292 1.65 -18.04 -11.89
CA LEU A 292 2.20 -17.63 -10.60
C LEU A 292 1.11 -17.51 -9.53
N VAL A 293 0.00 -16.86 -9.87
CA VAL A 293 -1.08 -16.69 -8.89
C VAL A 293 -1.64 -18.05 -8.47
N ARG A 294 -1.93 -18.92 -9.44
CA ARG A 294 -2.53 -20.20 -9.11
CA ARG A 294 -2.53 -20.21 -9.11
C ARG A 294 -1.60 -21.03 -8.24
N ARG A 295 -0.29 -21.00 -8.52
CA ARG A 295 0.67 -21.72 -7.71
C ARG A 295 0.74 -21.19 -6.28
N GLU A 296 0.90 -19.86 -6.13
CA GLU A 296 1.00 -19.29 -4.79
C GLU A 296 -0.30 -19.45 -4.01
N HIS A 297 -1.44 -19.28 -4.68
CA HIS A 297 -2.73 -19.48 -4.01
C HIS A 297 -2.91 -20.92 -3.56
N ALA A 298 -2.54 -21.88 -4.41
CA ALA A 298 -2.64 -23.27 -3.99
C ALA A 298 -1.76 -23.54 -2.79
N SER A 299 -0.56 -22.96 -2.79
CA SER A 299 0.37 -23.12 -1.67
C SER A 299 -0.22 -22.57 -0.38
N ILE A 300 -0.75 -21.34 -0.43
CA ILE A 300 -1.36 -20.76 0.76
C ILE A 300 -2.55 -21.59 1.22
N ASP A 301 -3.38 -22.06 0.28
CA ASP A 301 -4.55 -22.85 0.62
C ASP A 301 -4.18 -24.19 1.25
N ALA A 302 -3.01 -24.72 0.90
CA ALA A 302 -2.54 -25.99 1.42
C ALA A 302 -1.73 -25.86 2.71
N GLN A 303 -1.68 -24.68 3.31
CA GLN A 303 -0.86 -24.50 4.50
C GLN A 303 -1.40 -25.38 5.61
N SER A 304 -0.53 -26.25 6.13
CA SER A 304 -0.92 -27.21 7.15
C SER A 304 -0.08 -27.06 8.43
N LEU B 3 10.83 14.86 12.51
CA LEU B 3 10.20 14.20 11.37
C LEU B 3 8.67 14.40 11.44
N PRO B 4 8.04 14.64 10.29
CA PRO B 4 6.60 14.91 10.29
C PRO B 4 5.83 13.81 10.99
N LYS B 5 4.82 14.22 11.76
CA LYS B 5 3.92 13.30 12.44
C LYS B 5 2.72 12.99 11.54
N LYS B 6 2.10 11.82 11.76
CA LYS B 6 0.93 11.39 10.95
C LYS B 6 -0.35 12.06 11.46
N GLY B 8 -4.70 13.21 10.44
CA GLY B 8 -5.84 12.84 9.62
C GLY B 8 -5.71 13.40 8.22
N GLY B 9 -5.71 12.50 7.24
CA GLY B 9 -5.67 12.93 5.81
C GLY B 9 -4.24 13.34 5.44
#